data_8QCN
#
_entry.id   8QCN
#
_cell.length_a   143.928
_cell.length_b   53.113
_cell.length_c   91.717
_cell.angle_alpha   90.000
_cell.angle_beta   127.390
_cell.angle_gamma   90.000
#
_symmetry.space_group_name_H-M   'C 1 2 1'
#
loop_
_entity.id
_entity.type
_entity.pdbx_description
1 polymer '4-diphosphocytidyl-2-C-methyl-D-erythritol kinase'
2 non-polymer "ADENOSINE-5'-DIPHOSPHATE"
3 non-polymer ~{N}-[3-(4-azanyl-2-oxidanylidene-1~{H}-pyrimidin-5-yl)prop-2-ynyl]cyclopropanesulfonamide
4 water water
#
_entity_poly.entity_id   1
_entity_poly.type   'polypeptide(L)'
_entity_poly.pdbx_seq_one_letter_code
;MRTQWPSPAKLNLFLYITGQRADGYHTLQTLFQFLDYGDTISIELRDDGDIRLLTPVEGVEHEDNLIVRAARLLMKTAAD
SGRLPTGSGANISIDKRLPVGGGLGGGSSNAATVLVALNHLWQCGLSMDELAEMGLTLGADVPVFVRGHAAFAEGVGEIL
TPVDPPEKWYLVAHPGVSIPTPVIFKDPELPRNTPKRSIETLLKCEFSNDCEVIARKRFREVDAVLSWLLEYAPSRLTGT
GACVFAEFDTESEARQVLEQAPEWLNGFVAKGVNLSPLHRAML
;
_entity_poly.pdbx_strand_id   A,B
#
# COMPACT_ATOMS: atom_id res chain seq x y z
N MET A 1 -0.90 13.99 -18.56
CA MET A 1 -0.69 13.76 -17.15
C MET A 1 -1.62 12.66 -16.62
N ARG A 2 -1.18 11.99 -15.55
CA ARG A 2 -1.95 10.92 -14.93
C ARG A 2 -2.25 11.32 -13.48
N THR A 3 -3.51 11.16 -13.09
CA THR A 3 -3.96 11.48 -11.75
C THR A 3 -4.39 10.21 -11.02
N GLN A 4 -4.07 10.13 -9.73
CA GLN A 4 -4.45 9.01 -8.89
C GLN A 4 -5.57 9.42 -7.95
N TRP A 5 -6.53 8.53 -7.75
CA TRP A 5 -7.70 8.84 -6.94
C TRP A 5 -8.04 7.67 -6.00
N PRO A 6 -8.24 7.95 -4.72
CA PRO A 6 -8.61 6.89 -3.79
C PRO A 6 -10.01 6.39 -4.06
N SER A 7 -10.24 5.13 -3.69
CA SER A 7 -11.56 4.49 -3.77
C SER A 7 -11.77 3.72 -2.49
N PRO A 8 -12.12 4.41 -1.41
CA PRO A 8 -12.15 3.78 -0.09
C PRO A 8 -13.29 2.78 0.04
N ALA A 9 -13.17 1.93 1.05
CA ALA A 9 -14.24 1.01 1.41
C ALA A 9 -15.17 1.68 2.42
N LYS A 10 -16.32 1.04 2.66
CA LYS A 10 -17.27 1.52 3.65
C LYS A 10 -17.69 0.38 4.55
N LEU A 11 -18.13 0.74 5.75
CA LEU A 11 -18.73 -0.19 6.70
C LEU A 11 -20.13 0.29 7.06
N ASN A 12 -21.07 -0.64 7.14
CA ASN A 12 -22.38 -0.37 7.72
C ASN A 12 -22.25 -0.62 9.22
N LEU A 13 -21.97 0.45 9.98
CA LEU A 13 -21.81 0.32 11.42
C LEU A 13 -23.06 -0.28 12.06
N PHE A 14 -24.23 0.06 11.55
CA PHE A 14 -25.45 -0.66 11.86
C PHE A 14 -26.32 -0.65 10.62
N LEU A 15 -27.38 -1.46 10.66
CA LEU A 15 -28.24 -1.63 9.49
C LEU A 15 -29.55 -2.30 9.89
N TYR A 16 -30.67 -1.63 9.66
CA TYR A 16 -31.98 -2.14 10.04
C TYR A 16 -32.92 -2.03 8.85
N ILE A 17 -33.61 -3.12 8.53
CA ILE A 17 -34.53 -3.16 7.40
C ILE A 17 -35.92 -2.77 7.90
N THR A 18 -36.42 -1.63 7.43
CA THR A 18 -37.68 -1.09 7.91
C THR A 18 -38.85 -1.37 6.96
N GLY A 19 -38.61 -2.02 5.83
CA GLY A 19 -39.69 -2.34 4.92
C GLY A 19 -39.16 -2.60 3.52
N GLN A 20 -40.11 -2.69 2.59
CA GLN A 20 -39.82 -2.98 1.20
C GLN A 20 -40.79 -2.21 0.32
N ARG A 21 -40.26 -1.36 -0.56
CA ARG A 21 -41.12 -0.60 -1.46
C ARG A 21 -41.63 -1.52 -2.58
N ALA A 22 -42.46 -0.94 -3.46
CA ALA A 22 -43.11 -1.73 -4.50
C ALA A 22 -42.11 -2.19 -5.55
N ASP A 23 -41.03 -1.44 -5.78
CA ASP A 23 -40.05 -1.77 -6.81
C ASP A 23 -39.05 -2.84 -6.37
N GLY A 24 -39.34 -3.57 -5.29
CA GLY A 24 -38.49 -4.66 -4.85
C GLY A 24 -37.42 -4.28 -3.85
N TYR A 25 -37.04 -2.99 -3.78
CA TYR A 25 -35.99 -2.56 -2.88
C TYR A 25 -36.53 -2.42 -1.45
N HIS A 26 -35.59 -2.38 -0.51
CA HIS A 26 -35.92 -2.31 0.91
C HIS A 26 -35.56 -0.94 1.47
N THR A 27 -36.41 -0.42 2.36
CA THR A 27 -36.11 0.79 3.10
C THR A 27 -35.38 0.44 4.38
N LEU A 28 -34.34 1.21 4.70
CA LEU A 28 -33.45 0.85 5.80
C LEU A 28 -33.11 2.07 6.63
N GLN A 29 -32.50 1.81 7.78
CA GLN A 29 -31.84 2.81 8.61
C GLN A 29 -30.43 2.30 8.87
N THR A 30 -29.43 3.00 8.35
CA THR A 30 -28.06 2.52 8.41
C THR A 30 -27.13 3.69 8.68
N LEU A 31 -25.88 3.36 9.00
CA LEU A 31 -24.84 4.34 9.34
C LEU A 31 -23.57 3.98 8.57
N PHE A 32 -23.22 4.81 7.59
CA PHE A 32 -22.05 4.58 6.76
C PHE A 32 -20.82 5.26 7.36
N GLN A 33 -19.70 4.53 7.38
CA GLN A 33 -18.40 5.11 7.69
C GLN A 33 -17.38 4.53 6.72
N PHE A 34 -16.41 5.35 6.32
CA PHE A 34 -15.40 4.92 5.38
C PHE A 34 -14.22 4.29 6.10
N LEU A 35 -13.35 3.63 5.32
CA LEU A 35 -12.09 3.11 5.80
C LEU A 35 -10.96 3.79 5.05
N ASP A 36 -9.91 4.19 5.78
CA ASP A 36 -8.73 4.76 5.13
C ASP A 36 -7.97 3.62 4.47
N TYR A 37 -8.53 3.09 3.39
CA TYR A 37 -8.07 1.85 2.79
C TYR A 37 -8.96 1.47 1.61
N GLY A 38 -8.37 1.01 0.52
CA GLY A 38 -9.17 0.58 -0.61
C GLY A 38 -8.36 0.62 -1.89
N ASP A 39 -9.09 0.69 -3.01
CA ASP A 39 -8.48 0.67 -4.33
C ASP A 39 -7.88 2.02 -4.67
N THR A 40 -7.11 2.05 -5.76
CA THR A 40 -6.53 3.27 -6.31
C THR A 40 -6.80 3.29 -7.80
N ILE A 41 -7.41 4.37 -8.27
CA ILE A 41 -7.78 4.53 -9.67
C ILE A 41 -6.94 5.64 -10.28
N SER A 42 -6.35 5.35 -11.43
CA SER A 42 -5.53 6.31 -12.17
C SER A 42 -6.21 6.61 -13.51
N ILE A 43 -6.22 7.88 -13.90
CA ILE A 43 -6.89 8.32 -15.10
C ILE A 43 -5.92 9.14 -15.94
N GLU A 44 -5.76 8.75 -17.20
CA GLU A 44 -5.03 9.53 -18.18
C GLU A 44 -6.03 10.09 -19.17
N LEU A 45 -5.97 11.40 -19.41
CA LEU A 45 -6.94 12.05 -20.28
C LEU A 45 -6.71 11.67 -21.73
N ARG A 46 -7.79 11.36 -22.43
CA ARG A 46 -7.78 11.12 -23.87
C ARG A 46 -8.46 12.28 -24.58
N ASP A 47 -8.07 12.48 -25.85
CA ASP A 47 -8.65 13.52 -26.68
C ASP A 47 -9.50 12.97 -27.82
N ASP A 48 -9.68 11.64 -27.89
CA ASP A 48 -10.38 11.00 -28.99
C ASP A 48 -11.81 10.60 -28.65
N GLY A 49 -12.28 10.89 -27.43
CA GLY A 49 -13.64 10.59 -27.06
C GLY A 49 -13.92 9.17 -26.63
N ASP A 50 -12.89 8.34 -26.44
CA ASP A 50 -13.06 6.97 -26.01
C ASP A 50 -12.87 6.83 -24.50
N ILE A 51 -13.48 5.78 -23.95
CA ILE A 51 -13.30 5.40 -22.55
C ILE A 51 -12.77 3.98 -22.53
N ARG A 52 -11.62 3.79 -21.91
CA ARG A 52 -10.94 2.49 -21.89
C ARG A 52 -10.53 2.15 -20.46
N LEU A 53 -11.11 1.07 -19.94
CA LEU A 53 -10.62 0.48 -18.69
C LEU A 53 -9.48 -0.47 -19.07
N LEU A 54 -8.24 -0.05 -18.81
CA LEU A 54 -7.09 -0.81 -19.27
C LEU A 54 -6.87 -2.05 -18.41
N THR A 55 -6.98 -1.93 -17.10
CA THR A 55 -6.77 -3.06 -16.21
C THR A 55 -8.09 -3.77 -15.97
N PRO A 56 -8.23 -5.03 -16.37
CA PRO A 56 -9.50 -5.73 -16.17
C PRO A 56 -9.70 -6.18 -14.73
N VAL A 57 -10.96 -6.19 -14.32
CA VAL A 57 -11.35 -6.67 -12.99
C VAL A 57 -11.92 -8.07 -13.14
N GLU A 58 -11.36 -9.02 -12.40
CA GLU A 58 -11.72 -10.43 -12.58
C GLU A 58 -13.22 -10.63 -12.45
N GLY A 59 -13.79 -11.37 -13.41
CA GLY A 59 -15.19 -11.71 -13.40
C GLY A 59 -16.13 -10.67 -13.93
N VAL A 60 -15.62 -9.52 -14.39
CA VAL A 60 -16.46 -8.43 -14.88
C VAL A 60 -16.06 -8.10 -16.31
N GLU A 61 -17.05 -8.09 -17.20
CA GLU A 61 -16.81 -7.65 -18.58
C GLU A 61 -16.65 -6.14 -18.62
N HIS A 62 -15.87 -5.66 -19.61
CA HIS A 62 -15.55 -4.24 -19.71
C HIS A 62 -16.80 -3.38 -19.58
N GLU A 63 -17.78 -3.60 -20.45
CA GLU A 63 -18.97 -2.76 -20.44
C GLU A 63 -19.88 -3.04 -19.24
N ASP A 64 -19.65 -4.13 -18.51
CA ASP A 64 -20.38 -4.41 -17.28
C ASP A 64 -19.75 -3.76 -16.06
N ASN A 65 -18.48 -3.36 -16.16
CA ASN A 65 -17.77 -2.78 -15.03
C ASN A 65 -18.34 -1.42 -14.64
N LEU A 66 -18.48 -1.21 -13.33
CA LEU A 66 -19.06 0.04 -12.83
C LEU A 66 -18.20 1.25 -13.17
N ILE A 67 -16.88 1.07 -13.25
CA ILE A 67 -16.00 2.15 -13.69
C ILE A 67 -16.46 2.68 -15.04
N VAL A 68 -16.62 1.77 -16.01
CA VAL A 68 -16.99 2.17 -17.37
C VAL A 68 -18.44 2.68 -17.41
N ARG A 69 -19.33 2.01 -16.68
CA ARG A 69 -20.73 2.43 -16.68
C ARG A 69 -20.88 3.83 -16.09
N ALA A 70 -20.12 4.12 -15.04
CA ALA A 70 -20.16 5.47 -14.47
C ALA A 70 -19.54 6.48 -15.42
N ALA A 71 -18.49 6.08 -16.15
CA ALA A 71 -17.86 6.99 -17.09
C ALA A 71 -18.79 7.32 -18.25
N ARG A 72 -19.45 6.32 -18.81
CA ARG A 72 -20.35 6.57 -19.93
C ARG A 72 -21.61 7.30 -19.49
N LEU A 73 -22.09 7.03 -18.28
CA LEU A 73 -23.25 7.77 -17.78
C LEU A 73 -22.92 9.26 -17.64
N LEU A 74 -21.74 9.57 -17.08
CA LEU A 74 -21.32 10.97 -17.00
C LEU A 74 -21.19 11.59 -18.39
N MET A 75 -20.50 10.90 -19.30
CA MET A 75 -20.35 11.40 -20.67
C MET A 75 -21.70 11.75 -21.28
N LYS A 76 -22.66 10.84 -21.18
CA LYS A 76 -23.97 11.05 -21.80
C LYS A 76 -24.69 12.24 -21.16
N THR A 77 -24.68 12.32 -19.83
CA THR A 77 -25.37 13.41 -19.16
C THR A 77 -24.77 14.75 -19.52
N ALA A 78 -23.44 14.84 -19.56
CA ALA A 78 -22.80 16.12 -19.86
C ALA A 78 -23.03 16.53 -21.31
N ALA A 79 -22.89 15.58 -22.26
CA ALA A 79 -23.13 15.90 -23.66
C ALA A 79 -24.59 16.27 -23.91
N ASP A 80 -25.51 15.72 -23.12
CA ASP A 80 -26.92 16.04 -23.27
C ASP A 80 -27.27 17.44 -22.78
N SER A 81 -26.34 18.13 -22.12
CA SER A 81 -26.54 19.50 -21.66
C SER A 81 -25.34 20.38 -21.98
N GLY A 82 -24.53 19.98 -22.95
CA GLY A 82 -23.45 20.83 -23.43
C GLY A 82 -22.37 21.12 -22.41
N ARG A 83 -22.05 20.17 -21.55
CA ARG A 83 -21.02 20.33 -20.54
C ARG A 83 -19.81 19.43 -20.79
N LEU A 84 -19.76 18.73 -21.92
CA LEU A 84 -18.66 17.83 -22.22
C LEU A 84 -17.77 18.44 -23.29
N PRO A 85 -16.58 18.94 -22.94
CA PRO A 85 -15.68 19.49 -23.95
C PRO A 85 -15.46 18.48 -25.08
N THR A 86 -15.32 19.00 -26.30
CA THR A 86 -15.16 18.14 -27.47
C THR A 86 -14.01 17.17 -27.28
N GLY A 87 -14.25 15.91 -27.63
CA GLY A 87 -13.22 14.90 -27.58
C GLY A 87 -12.86 14.37 -26.20
N SER A 88 -13.68 14.64 -25.19
CA SER A 88 -13.40 14.15 -23.85
C SER A 88 -13.25 12.63 -23.87
N GLY A 89 -12.13 12.13 -23.37
CA GLY A 89 -11.87 10.71 -23.28
C GLY A 89 -11.03 10.43 -22.06
N ALA A 90 -10.71 9.15 -21.85
CA ALA A 90 -9.92 8.80 -20.68
C ALA A 90 -9.46 7.35 -20.76
N ASN A 91 -8.22 7.13 -20.35
CA ASN A 91 -7.72 5.79 -20.05
C ASN A 91 -7.78 5.61 -18.54
N ILE A 92 -8.34 4.48 -18.10
CA ILE A 92 -8.58 4.23 -16.68
C ILE A 92 -8.02 2.86 -16.32
N SER A 93 -7.12 2.83 -15.34
CA SER A 93 -6.64 1.61 -14.73
C SER A 93 -6.92 1.66 -13.24
N ILE A 94 -6.88 0.51 -12.59
CA ILE A 94 -7.23 0.42 -11.17
C ILE A 94 -6.32 -0.60 -10.50
N ASP A 95 -5.69 -0.19 -9.40
CA ASP A 95 -4.97 -1.10 -8.51
C ASP A 95 -5.95 -1.50 -7.42
N LYS A 96 -6.50 -2.71 -7.52
CA LYS A 96 -7.60 -3.14 -6.68
C LYS A 96 -7.07 -3.92 -5.48
N ARG A 97 -7.23 -3.35 -4.29
CA ARG A 97 -6.98 -4.06 -3.04
C ARG A 97 -8.25 -4.63 -2.42
N LEU A 98 -9.42 -4.12 -2.78
CA LEU A 98 -10.65 -4.53 -2.14
C LEU A 98 -11.21 -5.79 -2.79
N PRO A 99 -11.85 -6.67 -2.01
CA PRO A 99 -12.48 -7.84 -2.59
C PRO A 99 -13.66 -7.45 -3.46
N VAL A 100 -13.98 -8.29 -4.43
CA VAL A 100 -15.15 -8.11 -5.27
C VAL A 100 -16.34 -8.76 -4.57
N GLY A 101 -17.33 -7.94 -4.21
CA GLY A 101 -18.57 -8.43 -3.64
C GLY A 101 -18.50 -8.98 -2.22
N GLY A 102 -18.10 -8.15 -1.27
CA GLY A 102 -18.03 -8.60 0.12
C GLY A 102 -18.74 -7.69 1.09
N GLY A 103 -19.60 -6.80 0.60
CA GLY A 103 -20.26 -5.84 1.46
C GLY A 103 -19.43 -4.64 1.83
N LEU A 104 -18.21 -4.51 1.29
CA LEU A 104 -17.39 -3.32 1.48
C LEU A 104 -17.68 -2.23 0.46
N GLY A 105 -18.59 -2.47 -0.49
CA GLY A 105 -18.96 -1.46 -1.45
C GLY A 105 -17.84 -1.04 -2.39
N GLY A 106 -16.94 -1.95 -2.74
CA GLY A 106 -15.84 -1.62 -3.62
C GLY A 106 -16.26 -1.14 -4.99
N GLY A 107 -17.07 -1.93 -5.70
CA GLY A 107 -17.53 -1.51 -7.01
C GLY A 107 -18.29 -0.20 -6.95
N SER A 108 -19.17 -0.05 -5.95
CA SER A 108 -19.89 1.20 -5.79
C SER A 108 -18.96 2.35 -5.47
N SER A 109 -17.89 2.09 -4.70
CA SER A 109 -16.90 3.14 -4.47
C SER A 109 -16.12 3.45 -5.74
N ASN A 110 -15.88 2.44 -6.58
CA ASN A 110 -15.17 2.66 -7.84
C ASN A 110 -15.98 3.57 -8.76
N ALA A 111 -17.30 3.40 -8.79
CA ALA A 111 -18.14 4.27 -9.62
C ALA A 111 -18.14 5.69 -9.08
N ALA A 112 -18.26 5.87 -7.76
CA ALA A 112 -18.27 7.20 -7.19
C ALA A 112 -16.95 7.92 -7.46
N THR A 113 -15.83 7.21 -7.31
CA THR A 113 -14.53 7.84 -7.56
C THR A 113 -14.40 8.29 -9.01
N VAL A 114 -14.87 7.48 -9.95
CA VAL A 114 -14.79 7.86 -11.37
C VAL A 114 -15.63 9.10 -11.63
N LEU A 115 -16.85 9.13 -11.11
CA LEU A 115 -17.73 10.27 -11.31
C LEU A 115 -17.10 11.55 -10.80
N VAL A 116 -16.64 11.55 -9.55
CA VAL A 116 -16.08 12.75 -8.97
C VAL A 116 -14.77 13.14 -9.68
N ALA A 117 -13.98 12.14 -10.07
CA ALA A 117 -12.71 12.42 -10.74
C ALA A 117 -12.95 13.00 -12.13
N LEU A 118 -13.67 12.27 -12.99
CA LEU A 118 -13.89 12.74 -14.36
C LEU A 118 -14.70 14.02 -14.39
N ASN A 119 -15.59 14.23 -13.42
CA ASN A 119 -16.29 15.50 -13.33
C ASN A 119 -15.32 16.65 -13.12
N HIS A 120 -14.27 16.43 -12.33
CA HIS A 120 -13.22 17.44 -12.17
C HIS A 120 -12.32 17.51 -13.39
N LEU A 121 -11.96 16.35 -13.94
CA LEU A 121 -10.96 16.32 -15.02
C LEU A 121 -11.55 16.81 -16.34
N TRP A 122 -12.79 16.44 -16.65
CA TRP A 122 -13.45 16.94 -17.84
C TRP A 122 -14.05 18.33 -17.64
N GLN A 123 -14.04 18.85 -16.41
CA GLN A 123 -14.62 20.16 -16.11
C GLN A 123 -16.09 20.22 -16.51
N CYS A 124 -16.83 19.15 -16.18
CA CYS A 124 -18.26 19.13 -16.46
C CYS A 124 -19.01 20.11 -15.59
N GLY A 125 -18.47 20.46 -14.42
CA GLY A 125 -19.12 21.40 -13.53
C GLY A 125 -20.36 20.89 -12.84
N LEU A 126 -20.65 19.59 -12.92
CA LEU A 126 -21.80 19.04 -12.24
C LEU A 126 -21.65 19.21 -10.73
N SER A 127 -22.77 19.16 -10.03
CA SER A 127 -22.82 19.39 -8.60
C SER A 127 -22.83 18.07 -7.83
N MET A 128 -22.55 18.17 -6.52
CA MET A 128 -22.69 17.00 -5.65
C MET A 128 -24.05 16.35 -5.83
N ASP A 129 -25.11 17.15 -5.84
CA ASP A 129 -26.46 16.61 -5.97
C ASP A 129 -26.62 15.87 -7.30
N GLU A 130 -26.16 16.47 -8.39
CA GLU A 130 -26.27 15.82 -9.70
C GLU A 130 -25.47 14.53 -9.73
N LEU A 131 -24.21 14.58 -9.29
CA LEU A 131 -23.39 13.38 -9.26
C LEU A 131 -24.02 12.29 -8.40
N ALA A 132 -24.43 12.65 -7.18
CA ALA A 132 -25.09 11.67 -6.31
C ALA A 132 -26.39 11.19 -6.91
N GLU A 133 -27.07 12.04 -7.70
CA GLU A 133 -28.30 11.62 -8.36
C GLU A 133 -28.02 10.59 -9.44
N MET A 134 -27.00 10.84 -10.27
CA MET A 134 -26.62 9.85 -11.27
C MET A 134 -26.12 8.57 -10.62
N GLY A 135 -25.36 8.69 -9.54
CA GLY A 135 -24.85 7.49 -8.88
C GLY A 135 -25.95 6.56 -8.43
N LEU A 136 -27.07 7.11 -7.97
CA LEU A 136 -28.18 6.28 -7.50
C LEU A 136 -28.66 5.34 -8.59
N THR A 137 -28.66 5.78 -9.85
CA THR A 137 -29.05 4.89 -10.93
C THR A 137 -28.12 3.69 -11.03
N LEU A 138 -26.86 3.86 -10.63
CA LEU A 138 -25.87 2.78 -10.70
C LEU A 138 -25.91 1.86 -9.48
N GLY A 139 -26.38 2.35 -8.33
CA GLY A 139 -26.43 1.55 -7.12
C GLY A 139 -26.71 2.38 -5.89
N ALA A 140 -27.33 1.77 -4.89
CA ALA A 140 -27.67 2.51 -3.68
C ALA A 140 -26.47 2.77 -2.77
N ASP A 141 -25.34 2.09 -2.99
CA ASP A 141 -24.13 2.36 -2.23
C ASP A 141 -23.38 3.58 -2.76
N VAL A 142 -23.68 4.01 -3.98
CA VAL A 142 -22.87 5.00 -4.70
C VAL A 142 -23.04 6.41 -4.12
N PRO A 143 -24.26 6.86 -3.82
CA PRO A 143 -24.40 8.23 -3.28
C PRO A 143 -23.51 8.53 -2.08
N VAL A 144 -23.45 7.62 -1.10
CA VAL A 144 -22.68 7.90 0.12
C VAL A 144 -21.22 8.18 -0.24
N PHE A 145 -20.68 7.45 -1.22
CA PHE A 145 -19.31 7.70 -1.65
C PHE A 145 -19.19 9.01 -2.41
N VAL A 146 -20.21 9.40 -3.17
CA VAL A 146 -20.16 10.64 -3.92
C VAL A 146 -20.11 11.84 -2.98
N ARG A 147 -20.85 11.79 -1.89
CA ARG A 147 -20.92 12.92 -0.98
C ARG A 147 -19.75 12.97 0.00
N GLY A 148 -19.13 11.83 0.30
CA GLY A 148 -17.82 11.82 0.93
C GLY A 148 -17.77 12.02 2.42
N HIS A 149 -18.88 11.80 3.14
CA HIS A 149 -18.86 11.93 4.59
C HIS A 149 -19.65 10.80 5.23
N ALA A 150 -19.16 10.33 6.38
CA ALA A 150 -19.91 9.37 7.19
C ALA A 150 -21.30 9.94 7.47
N ALA A 151 -22.33 9.09 7.35
CA ALA A 151 -23.68 9.61 7.34
C ALA A 151 -24.68 8.56 7.82
N PHE A 152 -25.75 9.06 8.43
CA PHE A 152 -26.92 8.26 8.77
C PHE A 152 -27.84 8.25 7.56
N ALA A 153 -27.96 7.11 6.90
CA ALA A 153 -28.64 7.00 5.62
C ALA A 153 -29.98 6.27 5.76
N GLU A 154 -31.00 6.82 5.10
CA GLU A 154 -32.33 6.20 5.13
C GLU A 154 -32.87 6.01 3.71
N GLY A 155 -34.17 5.74 3.61
CA GLY A 155 -34.73 5.36 2.32
C GLY A 155 -34.16 4.05 1.87
N VAL A 156 -33.45 4.04 0.73
CA VAL A 156 -32.67 2.88 0.30
C VAL A 156 -31.19 3.11 0.49
N GLY A 157 -30.81 4.14 1.25
CA GLY A 157 -29.42 4.50 1.45
C GLY A 157 -28.99 5.80 0.80
N GLU A 158 -29.89 6.50 0.12
CA GLU A 158 -29.55 7.74 -0.58
C GLU A 158 -29.94 8.98 0.21
N ILE A 159 -30.71 8.85 1.28
CA ILE A 159 -31.09 9.97 2.13
C ILE A 159 -30.06 10.05 3.25
N LEU A 160 -29.05 10.91 3.05
CA LEU A 160 -27.86 10.92 3.89
C LEU A 160 -27.83 12.14 4.79
N THR A 161 -27.55 11.91 6.07
CA THR A 161 -27.38 12.97 7.07
C THR A 161 -25.99 12.87 7.66
N PRO A 162 -25.09 13.82 7.43
CA PRO A 162 -23.71 13.71 7.93
C PRO A 162 -23.68 13.55 9.45
N VAL A 163 -22.90 12.58 9.91
CA VAL A 163 -22.68 12.34 11.33
C VAL A 163 -21.25 11.85 11.51
N ASP A 164 -20.67 12.15 12.68
CA ASP A 164 -19.26 11.86 12.95
C ASP A 164 -19.15 10.78 14.02
N PRO A 165 -19.18 9.50 13.64
CA PRO A 165 -18.96 8.43 14.62
C PRO A 165 -17.51 8.35 15.03
N PRO A 166 -17.21 7.74 16.17
CA PRO A 166 -15.81 7.54 16.56
C PRO A 166 -15.07 6.76 15.49
N GLU A 167 -13.84 7.19 15.21
CA GLU A 167 -13.01 6.59 14.17
C GLU A 167 -12.19 5.44 14.76
N LYS A 168 -12.90 4.36 15.07
CA LYS A 168 -12.27 3.18 15.64
C LYS A 168 -11.32 2.55 14.62
N TRP A 169 -10.51 1.60 15.09
CA TRP A 169 -9.69 0.76 14.24
C TRP A 169 -10.41 -0.56 14.01
N TYR A 170 -10.34 -1.07 12.78
CA TYR A 170 -11.13 -2.23 12.39
C TYR A 170 -10.23 -3.32 11.84
N LEU A 171 -10.47 -4.55 12.30
CA LEU A 171 -10.01 -5.75 11.61
C LEU A 171 -11.13 -6.22 10.70
N VAL A 172 -10.88 -6.23 9.40
CA VAL A 172 -11.89 -6.61 8.41
C VAL A 172 -11.47 -7.94 7.81
N ALA A 173 -12.36 -8.93 7.92
CA ALA A 173 -12.09 -10.28 7.46
C ALA A 173 -13.07 -10.67 6.37
N HIS A 174 -12.58 -11.41 5.38
CA HIS A 174 -13.40 -11.86 4.26
C HIS A 174 -13.54 -13.38 4.31
N PRO A 175 -14.70 -13.90 4.70
CA PRO A 175 -14.91 -15.35 4.60
C PRO A 175 -14.78 -15.82 3.17
N GLY A 176 -14.38 -17.07 3.01
CA GLY A 176 -14.16 -17.64 1.69
C GLY A 176 -15.42 -18.10 1.01
N VAL A 177 -16.39 -17.20 0.86
CA VAL A 177 -17.64 -17.51 0.19
C VAL A 177 -18.18 -16.24 -0.45
N SER A 178 -18.87 -16.40 -1.58
CA SER A 178 -19.46 -15.29 -2.32
C SER A 178 -20.95 -15.26 -2.06
N ILE A 179 -21.43 -14.17 -1.46
CA ILE A 179 -22.85 -14.02 -1.14
C ILE A 179 -23.49 -13.03 -2.08
N PRO A 180 -24.25 -13.47 -3.08
CA PRO A 180 -25.02 -12.53 -3.89
C PRO A 180 -26.00 -11.76 -3.02
N THR A 181 -25.90 -10.44 -3.09
CA THR A 181 -26.84 -9.62 -2.32
C THR A 181 -28.31 -9.99 -2.58
N PRO A 182 -28.72 -10.45 -3.77
CA PRO A 182 -30.12 -10.88 -3.96
C PRO A 182 -30.56 -11.99 -3.01
N VAL A 183 -29.66 -12.93 -2.69
CA VAL A 183 -30.04 -14.07 -1.87
C VAL A 183 -30.51 -13.60 -0.50
N ILE A 184 -29.72 -12.75 0.16
CA ILE A 184 -30.09 -12.27 1.49
C ILE A 184 -31.40 -11.48 1.42
N PHE A 185 -31.48 -10.53 0.48
CA PHE A 185 -32.64 -9.63 0.44
C PHE A 185 -33.91 -10.33 0.00
N LYS A 186 -33.81 -11.47 -0.68
CA LYS A 186 -34.99 -12.24 -1.07
C LYS A 186 -35.36 -13.31 -0.06
N ASP A 187 -34.57 -13.50 0.99
CA ASP A 187 -34.88 -14.51 1.98
C ASP A 187 -36.16 -14.15 2.72
N PRO A 188 -37.08 -15.10 2.92
CA PRO A 188 -38.31 -14.76 3.66
C PRO A 188 -38.05 -14.34 5.10
N GLU A 189 -37.22 -15.10 5.82
CA GLU A 189 -37.00 -14.85 7.24
C GLU A 189 -36.26 -13.55 7.53
N LEU A 190 -35.80 -12.83 6.50
CA LEU A 190 -35.10 -11.59 6.74
C LEU A 190 -36.03 -10.58 7.40
N PRO A 191 -35.59 -9.89 8.45
CA PRO A 191 -36.44 -8.86 9.06
C PRO A 191 -36.70 -7.72 8.08
N ARG A 192 -37.98 -7.40 7.89
CA ARG A 192 -38.38 -6.23 7.12
C ARG A 192 -39.41 -5.39 7.87
N ASN A 193 -39.47 -5.53 9.20
CA ASN A 193 -40.44 -4.84 10.03
C ASN A 193 -39.79 -4.05 11.16
N THR A 194 -38.47 -3.90 11.14
CA THR A 194 -37.79 -3.17 12.20
C THR A 194 -38.33 -1.74 12.27
N PRO A 195 -38.71 -1.27 13.46
CA PRO A 195 -39.36 0.04 13.52
C PRO A 195 -38.39 1.18 13.28
N LYS A 196 -38.86 2.19 12.54
CA LYS A 196 -38.04 3.36 12.27
C LYS A 196 -37.84 4.15 13.55
N ARG A 197 -36.58 4.40 13.91
CA ARG A 197 -36.24 5.08 15.16
C ARG A 197 -35.39 6.30 14.86
N SER A 198 -35.23 7.14 15.89
CA SER A 198 -34.46 8.38 15.76
C SER A 198 -32.97 8.09 15.86
N ILE A 199 -32.18 9.00 15.29
CA ILE A 199 -30.72 8.85 15.31
C ILE A 199 -30.23 8.70 16.75
N GLU A 200 -30.73 9.54 17.66
CA GLU A 200 -30.26 9.49 19.04
C GLU A 200 -30.61 8.15 19.69
N THR A 201 -31.78 7.60 19.37
CA THR A 201 -32.12 6.26 19.85
C THR A 201 -31.19 5.22 19.25
N LEU A 202 -30.84 5.36 17.97
CA LEU A 202 -29.98 4.40 17.32
C LEU A 202 -28.53 4.52 17.78
N LEU A 203 -28.10 5.73 18.16
CA LEU A 203 -26.72 5.94 18.58
C LEU A 203 -26.46 5.41 19.98
N LYS A 204 -27.49 5.15 20.77
CA LYS A 204 -27.31 4.60 22.11
C LYS A 204 -27.72 3.13 22.21
N CYS A 205 -28.66 2.68 21.39
CA CYS A 205 -28.93 1.25 21.31
C CYS A 205 -27.69 0.52 20.81
N GLU A 206 -27.68 -0.80 21.00
CA GLU A 206 -26.55 -1.61 20.59
C GLU A 206 -26.57 -1.78 19.07
N PHE A 207 -25.41 -1.55 18.44
CA PHE A 207 -25.32 -1.65 16.99
C PHE A 207 -25.46 -3.10 16.54
N SER A 208 -26.25 -3.32 15.50
CA SER A 208 -26.41 -4.64 14.91
C SER A 208 -26.75 -4.49 13.44
N ASN A 209 -26.77 -5.63 12.74
CA ASN A 209 -27.06 -5.67 11.31
C ASN A 209 -28.14 -6.72 11.09
N ASP A 210 -29.29 -6.29 10.56
CA ASP A 210 -30.43 -7.18 10.44
C ASP A 210 -30.19 -8.36 9.50
N CYS A 211 -29.22 -8.23 8.59
CA CYS A 211 -28.91 -9.32 7.68
C CYS A 211 -27.97 -10.36 8.27
N GLU A 212 -27.35 -10.06 9.42
CA GLU A 212 -26.34 -10.97 9.97
C GLU A 212 -26.93 -12.34 10.27
N VAL A 213 -28.17 -12.38 10.76
CA VAL A 213 -28.76 -13.66 11.18
C VAL A 213 -28.90 -14.60 9.98
N ILE A 214 -29.33 -14.07 8.84
CA ILE A 214 -29.50 -14.90 7.65
C ILE A 214 -28.14 -15.34 7.11
N ALA A 215 -27.25 -14.37 6.89
CA ALA A 215 -25.91 -14.71 6.40
C ALA A 215 -25.25 -15.73 7.31
N ARG A 216 -25.35 -15.54 8.63
CA ARG A 216 -24.79 -16.50 9.57
C ARG A 216 -25.44 -17.86 9.45
N LYS A 217 -26.76 -17.89 9.29
CA LYS A 217 -27.49 -19.15 9.29
C LYS A 217 -27.30 -19.94 8.00
N ARG A 218 -27.03 -19.27 6.88
CA ARG A 218 -26.99 -19.93 5.59
C ARG A 218 -25.58 -20.19 5.07
N PHE A 219 -24.58 -19.49 5.58
CA PHE A 219 -23.19 -19.65 5.10
C PHE A 219 -22.29 -19.93 6.30
N ARG A 220 -21.97 -21.21 6.52
CA ARG A 220 -21.12 -21.58 7.65
C ARG A 220 -19.76 -20.91 7.62
N GLU A 221 -19.28 -20.51 6.43
CA GLU A 221 -18.03 -19.75 6.37
C GLU A 221 -18.17 -18.43 7.09
N VAL A 222 -19.30 -17.75 6.91
CA VAL A 222 -19.53 -16.49 7.62
C VAL A 222 -19.69 -16.74 9.11
N ASP A 223 -20.34 -17.85 9.48
CA ASP A 223 -20.48 -18.21 10.89
C ASP A 223 -19.12 -18.49 11.52
N ALA A 224 -18.22 -19.13 10.77
CA ALA A 224 -16.91 -19.46 11.32
C ALA A 224 -16.13 -18.19 11.67
N VAL A 225 -16.06 -17.24 10.74
CA VAL A 225 -15.27 -16.03 10.98
C VAL A 225 -15.89 -15.21 12.10
N LEU A 226 -17.22 -15.13 12.15
CA LEU A 226 -17.88 -14.37 13.20
C LEU A 226 -17.58 -14.95 14.58
N SER A 227 -17.72 -16.27 14.73
CA SER A 227 -17.47 -16.91 16.01
C SER A 227 -16.03 -16.67 16.48
N TRP A 228 -15.09 -16.66 15.55
CA TRP A 228 -13.70 -16.46 15.92
C TRP A 228 -13.46 -15.04 16.43
N LEU A 229 -13.90 -14.03 15.66
CA LEU A 229 -13.63 -12.65 16.02
C LEU A 229 -14.34 -12.23 17.30
N LEU A 230 -15.56 -12.75 17.54
CA LEU A 230 -16.30 -12.34 18.72
C LEU A 230 -15.59 -12.71 20.01
N GLU A 231 -14.66 -13.66 19.96
CA GLU A 231 -13.85 -13.97 21.14
C GLU A 231 -12.96 -12.81 21.55
N TYR A 232 -12.72 -11.85 20.65
CA TYR A 232 -11.77 -10.77 20.89
C TYR A 232 -12.41 -9.40 20.98
N ALA A 233 -13.44 -9.11 20.20
CA ALA A 233 -14.02 -7.78 20.17
C ALA A 233 -15.42 -7.87 19.58
N PRO A 234 -16.22 -6.81 19.70
CA PRO A 234 -17.55 -6.79 19.06
C PRO A 234 -17.42 -6.89 17.55
N SER A 235 -18.09 -7.89 16.98
CA SER A 235 -17.93 -8.22 15.58
C SER A 235 -19.31 -8.36 14.93
N ARG A 236 -19.45 -7.78 13.73
CA ARG A 236 -20.72 -7.78 13.02
C ARG A 236 -20.49 -7.93 11.53
N LEU A 237 -21.57 -8.26 10.83
CA LEU A 237 -21.58 -8.26 9.38
C LEU A 237 -21.76 -6.83 8.85
N THR A 238 -21.14 -6.56 7.71
CA THR A 238 -21.31 -5.31 7.00
C THR A 238 -22.03 -5.57 5.68
N GLY A 239 -22.90 -4.64 5.29
CA GLY A 239 -23.71 -4.90 4.12
C GLY A 239 -24.47 -6.20 4.26
N THR A 240 -24.54 -6.96 3.16
CA THR A 240 -25.16 -8.28 3.16
C THR A 240 -24.12 -9.40 3.14
N GLY A 241 -22.90 -9.11 3.62
CA GLY A 241 -21.83 -10.09 3.59
C GLY A 241 -21.02 -10.01 2.32
N ALA A 242 -19.99 -10.84 2.27
CA ALA A 242 -19.72 -11.82 3.31
C ALA A 242 -18.79 -11.27 4.40
N CYS A 243 -18.28 -10.05 4.19
CA CYS A 243 -17.26 -9.52 5.08
C CYS A 243 -17.79 -9.23 6.48
N VAL A 244 -16.87 -9.31 7.45
CA VAL A 244 -17.16 -9.10 8.86
C VAL A 244 -16.08 -8.18 9.42
N PHE A 245 -16.43 -7.41 10.45
CA PHE A 245 -15.46 -6.52 11.08
C PHE A 245 -15.60 -6.60 12.60
N ALA A 246 -14.51 -6.30 13.30
CA ALA A 246 -14.48 -6.20 14.75
C ALA A 246 -13.90 -4.84 15.14
N GLU A 247 -14.47 -4.23 16.17
CA GLU A 247 -14.08 -2.89 16.60
C GLU A 247 -12.94 -2.95 17.61
N PHE A 248 -11.96 -2.08 17.43
CA PHE A 248 -10.86 -1.94 18.38
C PHE A 248 -10.61 -0.45 18.64
N ASP A 249 -10.21 -0.15 19.87
CA ASP A 249 -9.94 1.23 20.24
C ASP A 249 -8.59 1.72 19.76
N THR A 250 -7.63 0.83 19.54
CA THR A 250 -6.28 1.22 19.19
C THR A 250 -5.77 0.36 18.04
N GLU A 251 -4.73 0.87 17.37
CA GLU A 251 -4.16 0.15 16.24
C GLU A 251 -3.41 -1.10 16.70
N SER A 252 -2.69 -1.01 17.81
CA SER A 252 -1.91 -2.15 18.29
C SER A 252 -2.82 -3.33 18.61
N GLU A 253 -3.89 -3.09 19.37
CA GLU A 253 -4.82 -4.17 19.69
C GLU A 253 -5.34 -4.83 18.41
N ALA A 254 -5.77 -4.02 17.44
CA ALA A 254 -6.32 -4.58 16.21
C ALA A 254 -5.28 -5.39 15.46
N ARG A 255 -4.06 -4.88 15.35
CA ARG A 255 -3.03 -5.58 14.60
C ARG A 255 -2.56 -6.83 15.33
N GLN A 256 -2.51 -6.78 16.67
CA GLN A 256 -2.17 -7.97 17.44
C GLN A 256 -3.14 -9.10 17.15
N VAL A 257 -4.44 -8.81 17.18
CA VAL A 257 -5.45 -9.83 16.87
C VAL A 257 -5.31 -10.33 15.45
N LEU A 258 -4.83 -9.48 14.54
CA LEU A 258 -4.64 -9.92 13.16
C LEU A 258 -3.38 -10.78 13.01
N GLU A 259 -2.38 -10.58 13.87
CA GLU A 259 -1.21 -11.45 13.85
C GLU A 259 -1.57 -12.87 14.26
N GLN A 260 -2.61 -13.04 15.08
CA GLN A 260 -3.04 -14.35 15.54
C GLN A 260 -4.07 -15.00 14.61
N ALA A 261 -4.61 -14.25 13.66
CA ALA A 261 -5.69 -14.77 12.83
C ALA A 261 -5.20 -15.83 11.87
N PRO A 262 -5.81 -17.01 11.84
CA PRO A 262 -5.50 -17.98 10.79
C PRO A 262 -5.77 -17.38 9.42
N GLU A 263 -5.02 -17.87 8.43
CA GLU A 263 -5.08 -17.26 7.09
C GLU A 263 -6.48 -17.35 6.47
N TRP A 264 -7.30 -18.32 6.87
CA TRP A 264 -8.63 -18.41 6.27
C TRP A 264 -9.53 -17.24 6.65
N LEU A 265 -9.07 -16.32 7.51
CA LEU A 265 -9.82 -15.10 7.77
C LEU A 265 -9.74 -14.12 6.62
N ASN A 266 -8.59 -14.08 5.92
CA ASN A 266 -8.36 -13.11 4.86
C ASN A 266 -8.65 -11.70 5.35
N GLY A 267 -7.85 -11.28 6.33
CA GLY A 267 -8.14 -10.08 7.10
C GLY A 267 -7.09 -9.02 6.96
N PHE A 268 -7.52 -7.76 7.09
CA PHE A 268 -6.66 -6.59 7.13
C PHE A 268 -7.16 -5.67 8.21
N VAL A 269 -6.32 -4.70 8.59
CA VAL A 269 -6.68 -3.70 9.60
C VAL A 269 -6.67 -2.34 8.94
N ALA A 270 -7.60 -1.48 9.36
CA ALA A 270 -7.70 -0.14 8.77
C ALA A 270 -8.48 0.77 9.70
N LYS A 271 -8.05 2.03 9.76
CA LYS A 271 -8.72 3.02 10.59
C LYS A 271 -9.98 3.53 9.91
N GLY A 272 -11.00 3.81 10.71
CA GLY A 272 -12.19 4.44 10.18
C GLY A 272 -11.97 5.90 9.87
N VAL A 273 -12.68 6.40 8.86
CA VAL A 273 -12.54 7.78 8.43
C VAL A 273 -13.94 8.36 8.18
N ASN A 274 -14.26 9.44 8.88
CA ASN A 274 -15.53 10.12 8.67
C ASN A 274 -15.52 10.97 7.41
N LEU A 275 -14.35 11.37 6.92
CA LEU A 275 -14.21 12.08 5.65
C LEU A 275 -13.58 11.13 4.65
N SER A 276 -14.24 10.95 3.51
CA SER A 276 -13.78 9.99 2.52
C SER A 276 -12.39 10.36 2.02
N PRO A 277 -11.44 9.41 1.99
CA PRO A 277 -10.13 9.70 1.39
C PRO A 277 -10.21 10.34 0.01
N LEU A 278 -11.25 10.02 -0.76
CA LEU A 278 -11.42 10.67 -2.07
C LEU A 278 -11.63 12.17 -1.91
N HIS A 279 -12.56 12.56 -1.05
CA HIS A 279 -12.82 13.98 -0.84
C HIS A 279 -11.64 14.65 -0.13
N ARG A 280 -11.01 13.92 0.79
CA ARG A 280 -9.78 14.42 1.39
C ARG A 280 -8.74 14.73 0.32
N ALA A 281 -8.72 13.94 -0.76
CA ALA A 281 -7.76 14.13 -1.84
C ALA A 281 -8.16 15.23 -2.83
N MET A 282 -9.39 15.73 -2.77
CA MET A 282 -9.84 16.77 -3.68
C MET A 282 -9.54 18.17 -3.19
N LEU A 283 -9.13 18.33 -1.93
CA LEU A 283 -8.76 19.66 -1.43
C LEU A 283 -7.40 20.09 -1.98
N ARG B 2 1.76 -19.99 4.45
CA ARG B 2 2.23 -18.75 3.85
C ARG B 2 2.45 -17.67 4.93
N THR B 3 3.52 -16.89 4.77
CA THR B 3 3.79 -15.78 5.67
C THR B 3 4.30 -14.59 4.86
N GLN B 4 4.04 -13.39 5.36
CA GLN B 4 4.42 -12.16 4.70
C GLN B 4 5.58 -11.49 5.45
N TRP B 5 6.54 -10.97 4.72
CA TRP B 5 7.70 -10.34 5.32
C TRP B 5 8.00 -9.01 4.66
N PRO B 6 8.36 -7.98 5.45
CA PRO B 6 8.67 -6.67 4.87
C PRO B 6 10.10 -6.60 4.37
N SER B 7 10.32 -5.67 3.44
CA SER B 7 11.62 -5.45 2.82
C SER B 7 11.82 -3.95 2.62
N PRO B 8 12.21 -3.24 3.67
CA PRO B 8 12.28 -1.78 3.59
C PRO B 8 13.41 -1.31 2.69
N ALA B 9 13.31 -0.06 2.27
CA ALA B 9 14.38 0.60 1.53
C ALA B 9 15.34 1.28 2.49
N LYS B 10 16.44 1.78 1.94
CA LYS B 10 17.41 2.53 2.74
C LYS B 10 17.76 3.84 2.06
N LEU B 11 18.15 4.81 2.88
CA LEU B 11 18.74 6.06 2.43
C LEU B 11 20.15 6.16 3.01
N ASN B 12 21.08 6.72 2.23
CA ASN B 12 22.37 7.12 2.75
C ASN B 12 22.24 8.59 3.14
N LEU B 13 22.08 8.85 4.44
CA LEU B 13 21.95 10.23 4.88
C LEU B 13 23.19 11.04 4.55
N PHE B 14 24.37 10.42 4.64
CA PHE B 14 25.59 10.97 4.07
C PHE B 14 26.45 9.81 3.55
N LEU B 15 27.43 10.14 2.72
CA LEU B 15 28.25 9.13 2.07
C LEU B 15 29.57 9.77 1.70
N TYR B 16 30.66 9.25 2.26
CA TYR B 16 32.00 9.75 2.01
C TYR B 16 32.91 8.61 1.60
N ILE B 17 33.74 8.85 0.59
CA ILE B 17 34.62 7.83 0.02
C ILE B 17 36.03 8.09 0.54
N THR B 18 36.54 7.16 1.35
CA THR B 18 37.85 7.31 1.97
C THR B 18 38.97 6.63 1.19
N GLY B 19 38.64 5.72 0.28
CA GLY B 19 39.65 5.06 -0.51
C GLY B 19 39.06 3.93 -1.33
N GLN B 20 39.95 3.18 -1.96
CA GLN B 20 39.58 2.03 -2.79
C GLN B 20 40.51 0.87 -2.48
N ARG B 21 39.93 -0.30 -2.21
CA ARG B 21 40.76 -1.46 -1.95
C ARG B 21 41.19 -2.13 -3.26
N ALA B 22 42.05 -3.15 -3.13
CA ALA B 22 42.58 -3.83 -4.30
C ALA B 22 41.51 -4.60 -5.05
N ASP B 23 40.48 -5.08 -4.34
CA ASP B 23 39.40 -5.83 -4.96
C ASP B 23 38.36 -4.95 -5.66
N GLY B 24 38.69 -3.68 -5.93
CA GLY B 24 37.80 -2.79 -6.63
C GLY B 24 36.74 -2.12 -5.79
N TYR B 25 36.53 -2.56 -4.55
CA TYR B 25 35.56 -1.94 -3.66
C TYR B 25 36.17 -0.75 -2.94
N HIS B 26 35.31 0.14 -2.47
CA HIS B 26 35.72 1.39 -1.85
C HIS B 26 35.39 1.37 -0.36
N THR B 27 36.33 1.88 0.44
CA THR B 27 36.07 2.11 1.85
C THR B 27 35.34 3.43 2.02
N LEU B 28 34.34 3.44 2.88
CA LEU B 28 33.48 4.62 2.99
C LEU B 28 33.10 4.88 4.44
N GLN B 29 32.49 6.04 4.65
CA GLN B 29 31.87 6.43 5.91
C GLN B 29 30.47 6.90 5.56
N THR B 30 29.46 6.20 6.05
CA THR B 30 28.09 6.44 5.61
C THR B 30 27.12 6.26 6.77
N LEU B 31 25.92 6.81 6.60
CA LEU B 31 24.86 6.74 7.59
C LEU B 31 23.62 6.14 6.95
N PHE B 32 23.30 4.90 7.31
CA PHE B 32 22.12 4.22 6.80
C PHE B 32 20.89 4.54 7.65
N GLN B 33 19.75 4.61 6.99
CA GLN B 33 18.46 4.69 7.68
C GLN B 33 17.42 4.04 6.79
N PHE B 34 16.47 3.33 7.39
CA PHE B 34 15.44 2.64 6.63
C PHE B 34 14.28 3.58 6.33
N LEU B 35 13.40 3.12 5.45
CA LEU B 35 12.14 3.80 5.16
C LEU B 35 10.99 2.86 5.49
N ASP B 36 9.94 3.41 6.08
CA ASP B 36 8.72 2.64 6.35
C ASP B 36 7.94 2.47 5.04
N TYR B 37 8.60 1.78 4.11
CA TYR B 37 8.15 1.66 2.73
C TYR B 37 9.08 0.72 1.99
N GLY B 38 8.50 -0.33 1.41
CA GLY B 38 9.32 -1.28 0.67
C GLY B 38 8.53 -2.39 -0.01
N ASP B 39 9.16 -3.54 -0.23
CA ASP B 39 8.52 -4.67 -0.86
C ASP B 39 7.92 -5.61 0.18
N THR B 40 6.98 -6.44 -0.27
CA THR B 40 6.39 -7.50 0.54
C THR B 40 6.79 -8.84 -0.06
N ILE B 41 7.39 -9.69 0.75
CA ILE B 41 7.86 -11.00 0.32
C ILE B 41 7.01 -12.07 1.01
N SER B 42 6.38 -12.92 0.21
CA SER B 42 5.54 -13.99 0.71
C SER B 42 6.24 -15.33 0.48
N ILE B 43 6.36 -16.12 1.53
CA ILE B 43 7.05 -17.40 1.50
C ILE B 43 6.07 -18.49 1.88
N GLU B 44 6.08 -19.58 1.11
CA GLU B 44 5.31 -20.78 1.41
C GLU B 44 6.25 -21.96 1.31
N LEU B 45 6.26 -22.80 2.34
CA LEU B 45 7.28 -23.82 2.47
C LEU B 45 7.03 -25.00 1.53
N ARG B 46 8.13 -25.58 1.06
CA ARG B 46 8.12 -26.82 0.29
C ARG B 46 8.82 -27.91 1.10
N ASP B 47 8.54 -29.17 0.73
CA ASP B 47 9.19 -30.31 1.35
C ASP B 47 9.92 -31.17 0.32
N ASP B 48 10.28 -30.61 -0.83
CA ASP B 48 10.97 -31.34 -1.88
C ASP B 48 12.36 -30.78 -2.14
N GLY B 49 12.81 -29.81 -1.34
CA GLY B 49 14.14 -29.26 -1.50
C GLY B 49 14.30 -28.25 -2.62
N ASP B 50 13.22 -27.83 -3.27
CA ASP B 50 13.30 -26.87 -4.37
C ASP B 50 13.11 -25.44 -3.89
N ILE B 51 13.79 -24.52 -4.57
CA ILE B 51 13.61 -23.08 -4.37
C ILE B 51 12.96 -22.54 -5.64
N ARG B 52 11.74 -22.02 -5.51
CA ARG B 52 10.99 -21.50 -6.63
C ARG B 52 10.62 -20.04 -6.39
N LEU B 53 11.02 -19.17 -7.33
CA LEU B 53 10.61 -17.77 -7.33
C LEU B 53 9.44 -17.66 -8.30
N LEU B 54 8.23 -17.53 -7.75
CA LEU B 54 7.02 -17.54 -8.58
C LEU B 54 6.74 -16.20 -9.25
N THR B 55 7.30 -15.11 -8.74
CA THR B 55 7.03 -13.78 -9.30
C THR B 55 8.35 -13.12 -9.69
N PRO B 56 8.64 -12.99 -10.98
CA PRO B 56 9.90 -12.35 -11.38
C PRO B 56 9.90 -10.87 -11.05
N VAL B 57 11.11 -10.31 -10.99
CA VAL B 57 11.30 -8.88 -10.79
C VAL B 57 11.65 -8.27 -12.14
N GLU B 58 10.85 -7.30 -12.57
CA GLU B 58 11.08 -6.65 -13.85
C GLU B 58 12.51 -6.15 -13.94
N GLY B 59 13.22 -6.61 -14.97
CA GLY B 59 14.59 -6.18 -15.21
C GLY B 59 15.66 -7.06 -14.59
N VAL B 60 15.30 -7.98 -13.71
CA VAL B 60 16.26 -8.84 -13.03
C VAL B 60 16.11 -10.26 -13.57
N GLU B 61 17.20 -10.83 -14.04
CA GLU B 61 17.18 -12.20 -14.52
C GLU B 61 17.11 -13.17 -13.34
N HIS B 62 16.33 -14.24 -13.52
CA HIS B 62 16.13 -15.23 -12.47
C HIS B 62 17.43 -15.61 -11.77
N GLU B 63 18.45 -15.95 -12.56
CA GLU B 63 19.70 -16.43 -11.97
C GLU B 63 20.43 -15.34 -11.21
N ASP B 64 20.25 -14.08 -11.60
CA ASP B 64 20.90 -12.96 -10.91
C ASP B 64 20.09 -12.43 -9.73
N ASN B 65 18.86 -12.87 -9.57
CA ASN B 65 17.98 -12.32 -8.55
C ASN B 65 18.51 -12.66 -7.16
N LEU B 66 18.73 -11.63 -6.33
CA LEU B 66 19.28 -11.85 -5.00
C LEU B 66 18.36 -12.70 -4.13
N ILE B 67 17.06 -12.71 -4.42
CA ILE B 67 16.14 -13.60 -3.70
C ILE B 67 16.58 -15.05 -3.87
N VAL B 68 16.72 -15.50 -5.11
CA VAL B 68 17.11 -16.89 -5.34
C VAL B 68 18.55 -17.12 -4.91
N ARG B 69 19.41 -16.11 -5.03
CA ARG B 69 20.81 -16.28 -4.64
C ARG B 69 20.94 -16.45 -3.13
N ALA B 70 20.20 -15.64 -2.36
CA ALA B 70 20.27 -15.76 -0.90
C ALA B 70 19.68 -17.09 -0.44
N ALA B 71 18.54 -17.49 -1.03
CA ALA B 71 17.93 -18.75 -0.64
C ALA B 71 18.84 -19.94 -0.92
N ARG B 72 19.53 -19.94 -2.07
CA ARG B 72 20.48 -21.01 -2.34
C ARG B 72 21.67 -20.95 -1.39
N LEU B 73 22.16 -19.74 -1.11
CA LEU B 73 23.27 -19.60 -0.17
C LEU B 73 22.90 -20.14 1.20
N LEU B 74 21.74 -19.73 1.71
CA LEU B 74 21.30 -20.23 3.02
C LEU B 74 21.18 -21.76 3.01
N MET B 75 20.61 -22.32 1.95
CA MET B 75 20.43 -23.77 1.90
C MET B 75 21.77 -24.50 1.92
N LYS B 76 22.73 -24.04 1.10
CA LYS B 76 24.02 -24.71 1.05
C LYS B 76 24.76 -24.60 2.38
N THR B 77 24.79 -23.39 2.94
CA THR B 77 25.51 -23.19 4.19
C THR B 77 24.90 -24.00 5.33
N ALA B 78 23.56 -24.12 5.35
CA ALA B 78 22.89 -24.83 6.43
C ALA B 78 23.08 -26.34 6.27
N ALA B 79 22.82 -26.88 5.08
CA ALA B 79 23.01 -28.30 4.86
C ALA B 79 24.44 -28.74 5.13
N ASP B 80 25.40 -27.86 4.87
CA ASP B 80 26.81 -28.21 5.07
C ASP B 80 27.21 -28.27 6.54
N SER B 81 26.33 -27.86 7.45
CA SER B 81 26.60 -27.96 8.88
C SER B 81 25.45 -28.64 9.62
N GLY B 82 24.62 -29.41 8.92
CA GLY B 82 23.58 -30.19 9.55
C GLY B 82 22.40 -29.41 10.08
N ARG B 83 22.21 -28.16 9.65
CA ARG B 83 21.13 -27.33 10.15
C ARG B 83 19.92 -27.28 9.22
N LEU B 84 19.89 -28.08 8.16
CA LEU B 84 18.78 -28.01 7.23
C LEU B 84 17.89 -29.24 7.34
N PRO B 85 16.70 -29.12 7.89
CA PRO B 85 15.77 -30.25 7.89
C PRO B 85 15.68 -30.87 6.50
N THR B 86 15.53 -32.20 6.47
CA THR B 86 15.64 -32.95 5.22
C THR B 86 14.76 -32.36 4.13
N GLY B 87 13.49 -32.09 4.44
CA GLY B 87 12.59 -31.53 3.45
C GLY B 87 12.42 -30.03 3.57
N SER B 88 13.43 -29.27 3.14
CA SER B 88 13.43 -27.82 3.27
C SER B 88 13.40 -27.20 1.88
N GLY B 89 12.30 -26.52 1.56
CA GLY B 89 12.14 -25.80 0.32
C GLY B 89 11.26 -24.59 0.54
N ALA B 90 11.00 -23.85 -0.53
CA ALA B 90 10.16 -22.67 -0.39
C ALA B 90 9.73 -22.15 -1.75
N ASN B 91 8.48 -21.72 -1.83
CA ASN B 91 7.98 -20.89 -2.92
C ASN B 91 7.98 -19.44 -2.45
N ILE B 92 8.61 -18.56 -3.22
CA ILE B 92 8.79 -17.17 -2.83
C ILE B 92 8.09 -16.28 -3.84
N SER B 93 7.25 -15.37 -3.35
CA SER B 93 6.61 -14.35 -4.18
C SER B 93 6.84 -13.00 -3.53
N ILE B 94 6.91 -11.96 -4.36
CA ILE B 94 7.28 -10.63 -3.90
C ILE B 94 6.40 -9.59 -4.60
N ASP B 95 5.75 -8.75 -3.79
CA ASP B 95 5.06 -7.55 -4.30
C ASP B 95 6.10 -6.44 -4.34
N LYS B 96 6.69 -6.23 -5.51
CA LYS B 96 7.79 -5.27 -5.65
C LYS B 96 7.23 -3.86 -5.75
N ARG B 97 7.60 -3.01 -4.80
CA ARG B 97 7.23 -1.60 -4.80
C ARG B 97 8.41 -0.66 -5.07
N LEU B 98 9.66 -1.10 -4.79
CA LEU B 98 10.81 -0.23 -4.91
C LEU B 98 11.37 -0.25 -6.32
N PRO B 99 12.00 0.83 -6.75
CA PRO B 99 12.64 0.83 -8.06
C PRO B 99 13.90 -0.02 -8.05
N VAL B 100 14.23 -0.57 -9.22
CA VAL B 100 15.39 -1.45 -9.36
C VAL B 100 16.58 -0.59 -9.76
N GLY B 101 17.61 -0.57 -8.90
CA GLY B 101 18.86 0.08 -9.23
C GLY B 101 18.97 1.56 -8.87
N GLY B 102 18.07 2.09 -8.06
CA GLY B 102 18.06 3.50 -7.74
C GLY B 102 18.87 3.92 -6.52
N GLY B 103 19.61 3.01 -5.90
CA GLY B 103 20.33 3.34 -4.69
C GLY B 103 19.51 3.26 -3.41
N LEU B 104 18.35 2.60 -3.45
CA LEU B 104 17.56 2.34 -2.26
C LEU B 104 17.88 0.98 -1.65
N GLY B 105 18.82 0.24 -2.24
CA GLY B 105 19.18 -1.07 -1.72
C GLY B 105 18.07 -2.09 -1.75
N GLY B 106 17.05 -1.87 -2.58
CA GLY B 106 15.93 -2.80 -2.62
C GLY B 106 16.37 -4.24 -2.86
N GLY B 107 17.33 -4.44 -3.77
CA GLY B 107 17.79 -5.79 -4.06
C GLY B 107 18.45 -6.45 -2.86
N SER B 108 19.26 -5.69 -2.13
CA SER B 108 19.88 -6.22 -0.92
C SER B 108 18.89 -6.31 0.24
N SER B 109 17.82 -5.50 0.22
CA SER B 109 16.78 -5.66 1.23
C SER B 109 16.02 -6.96 1.00
N ASN B 110 15.77 -7.32 -0.26
CA ASN B 110 15.13 -8.59 -0.55
C ASN B 110 15.98 -9.75 -0.05
N ALA B 111 17.29 -9.69 -0.28
CA ALA B 111 18.15 -10.78 0.16
C ALA B 111 18.18 -10.90 1.68
N ALA B 112 18.19 -9.76 2.38
CA ALA B 112 18.18 -9.80 3.84
C ALA B 112 16.88 -10.41 4.36
N THR B 113 15.74 -10.00 3.80
CA THR B 113 14.46 -10.52 4.27
C THR B 113 14.37 -12.02 4.07
N VAL B 114 14.89 -12.53 2.94
CA VAL B 114 14.85 -13.96 2.68
C VAL B 114 15.76 -14.71 3.65
N LEU B 115 16.98 -14.21 3.83
CA LEU B 115 17.90 -14.84 4.77
C LEU B 115 17.27 -14.93 6.16
N VAL B 116 16.73 -13.82 6.66
CA VAL B 116 16.13 -13.82 7.99
C VAL B 116 14.88 -14.68 8.02
N ALA B 117 14.04 -14.56 6.99
CA ALA B 117 12.78 -15.29 6.97
C ALA B 117 13.00 -16.79 6.89
N LEU B 118 13.87 -17.23 5.98
CA LEU B 118 14.08 -18.66 5.81
C LEU B 118 14.85 -19.27 6.98
N ASN B 119 15.73 -18.48 7.60
CA ASN B 119 16.42 -18.97 8.79
C ASN B 119 15.43 -19.31 9.90
N HIS B 120 14.38 -18.50 10.06
CA HIS B 120 13.35 -18.77 11.05
C HIS B 120 12.41 -19.87 10.59
N LEU B 121 11.98 -19.83 9.32
CA LEU B 121 11.02 -20.83 8.84
C LEU B 121 11.66 -22.19 8.66
N TRP B 122 12.93 -22.25 8.25
CA TRP B 122 13.64 -23.52 8.16
C TRP B 122 14.28 -23.95 9.48
N GLN B 123 14.18 -23.12 10.52
CA GLN B 123 14.73 -23.44 11.83
C GLN B 123 16.23 -23.75 11.73
N CYS B 124 16.94 -22.93 10.96
CA CYS B 124 18.39 -23.11 10.84
C CYS B 124 19.12 -22.67 12.09
N GLY B 125 18.53 -21.81 12.90
CA GLY B 125 19.17 -21.38 14.13
C GLY B 125 20.46 -20.61 13.94
N LEU B 126 20.64 -19.98 12.78
CA LEU B 126 21.84 -19.19 12.54
C LEU B 126 21.73 -17.86 13.27
N SER B 127 22.87 -17.34 13.70
CA SER B 127 22.91 -16.13 14.50
C SER B 127 22.91 -14.88 13.62
N MET B 128 22.62 -13.75 14.24
CA MET B 128 22.59 -12.49 13.51
C MET B 128 23.94 -12.21 12.85
N ASP B 129 25.04 -12.56 13.53
CA ASP B 129 26.36 -12.38 12.93
C ASP B 129 26.59 -13.35 11.78
N GLU B 130 26.21 -14.61 11.97
CA GLU B 130 26.34 -15.59 10.89
C GLU B 130 25.55 -15.13 9.67
N LEU B 131 24.30 -14.74 9.85
CA LEU B 131 23.48 -14.30 8.73
C LEU B 131 24.10 -13.10 8.03
N ALA B 132 24.59 -12.13 8.79
CA ALA B 132 25.15 -10.92 8.19
C ALA B 132 26.42 -11.21 7.40
N GLU B 133 27.23 -12.16 7.87
CA GLU B 133 28.44 -12.51 7.13
C GLU B 133 28.12 -13.28 5.85
N MET B 134 27.03 -14.05 5.86
CA MET B 134 26.53 -14.63 4.61
C MET B 134 26.06 -13.54 3.67
N GLY B 135 25.33 -12.54 4.19
CA GLY B 135 24.86 -11.46 3.34
C GLY B 135 25.98 -10.72 2.65
N LEU B 136 27.06 -10.44 3.38
CA LEU B 136 28.18 -9.71 2.78
C LEU B 136 28.64 -10.35 1.47
N THR B 137 28.64 -11.68 1.41
CA THR B 137 29.07 -12.36 0.19
C THR B 137 28.14 -12.11 -0.99
N LEU B 138 26.90 -11.68 -0.72
CA LEU B 138 25.96 -11.35 -1.79
C LEU B 138 25.99 -9.87 -2.17
N GLY B 139 26.39 -9.00 -1.24
CA GLY B 139 26.42 -7.58 -1.50
C GLY B 139 26.71 -6.77 -0.24
N ALA B 140 27.49 -5.69 -0.40
CA ALA B 140 27.85 -4.86 0.75
C ALA B 140 26.66 -4.13 1.35
N ASP B 141 25.52 -4.10 0.67
CA ASP B 141 24.33 -3.44 1.22
C ASP B 141 23.53 -4.34 2.16
N VAL B 142 23.69 -5.66 2.05
CA VAL B 142 22.88 -6.63 2.79
C VAL B 142 23.12 -6.56 4.29
N PRO B 143 24.37 -6.45 4.75
CA PRO B 143 24.61 -6.51 6.21
C PRO B 143 23.75 -5.57 7.03
N VAL B 144 23.62 -4.30 6.60
CA VAL B 144 22.83 -3.35 7.38
C VAL B 144 21.38 -3.82 7.46
N PHE B 145 20.87 -4.44 6.40
CA PHE B 145 19.49 -4.91 6.40
C PHE B 145 19.32 -6.12 7.31
N VAL B 146 20.32 -7.00 7.37
CA VAL B 146 20.25 -8.16 8.25
C VAL B 146 20.20 -7.71 9.71
N ARG B 147 21.12 -6.82 10.09
CA ARG B 147 21.19 -6.38 11.48
C ARG B 147 19.99 -5.52 11.87
N GLY B 148 19.44 -4.77 10.92
CA GLY B 148 18.12 -4.18 11.08
C GLY B 148 18.02 -2.95 11.94
N HIS B 149 19.07 -2.14 12.02
CA HIS B 149 19.00 -0.88 12.76
C HIS B 149 19.76 0.20 12.02
N ALA B 150 19.22 1.43 12.02
CA ALA B 150 19.95 2.58 11.51
C ALA B 150 21.36 2.59 12.09
N ALA B 151 22.35 2.79 11.22
CA ALA B 151 23.73 2.54 11.64
C ALA B 151 24.70 3.42 10.87
N PHE B 152 25.67 3.95 11.59
CA PHE B 152 26.89 4.46 10.98
C PHE B 152 27.75 3.29 10.52
N ALA B 153 28.33 3.41 9.32
CA ALA B 153 29.04 2.28 8.73
C ALA B 153 30.36 2.74 8.10
N GLU B 154 31.41 1.94 8.30
CA GLU B 154 32.67 2.13 7.61
C GLU B 154 33.07 0.86 6.89
N GLY B 155 34.37 0.66 6.67
CA GLY B 155 34.79 -0.46 5.83
C GLY B 155 34.23 -0.26 4.44
N VAL B 156 33.54 -1.28 3.93
CA VAL B 156 32.82 -1.16 2.68
C VAL B 156 31.31 -1.02 2.93
N GLY B 157 30.91 -0.72 4.16
CA GLY B 157 29.52 -0.60 4.53
C GLY B 157 29.04 -1.65 5.50
N GLU B 158 29.91 -2.53 5.98
CA GLU B 158 29.52 -3.63 6.85
C GLU B 158 30.03 -3.52 8.27
N ILE B 159 30.85 -2.53 8.59
CA ILE B 159 31.27 -2.24 9.95
C ILE B 159 30.25 -1.25 10.52
N LEU B 160 29.26 -1.76 11.23
CA LEU B 160 28.06 -1.00 11.57
C LEU B 160 28.03 -0.67 13.06
N THR B 161 27.86 0.62 13.38
CA THR B 161 27.63 1.09 14.73
C THR B 161 26.24 1.71 14.79
N PRO B 162 25.27 1.10 15.48
CA PRO B 162 23.90 1.64 15.46
C PRO B 162 23.84 3.04 16.04
N VAL B 163 22.93 3.84 15.49
CA VAL B 163 22.64 5.20 15.94
C VAL B 163 21.15 5.46 15.72
N ASP B 164 20.71 6.64 16.14
CA ASP B 164 19.31 7.02 16.04
C ASP B 164 19.20 8.43 15.47
N PRO B 165 19.25 8.57 14.15
CA PRO B 165 19.02 9.87 13.52
C PRO B 165 17.54 10.24 13.56
N PRO B 166 17.21 11.52 13.40
CA PRO B 166 15.80 11.92 13.39
C PRO B 166 15.02 11.17 12.31
N GLU B 167 13.79 10.79 12.65
CA GLU B 167 12.92 10.07 11.73
C GLU B 167 12.06 11.09 10.97
N LYS B 168 12.70 11.74 10.00
CA LYS B 168 12.05 12.75 9.19
C LYS B 168 11.17 12.10 8.13
N TRP B 169 10.45 12.94 7.39
CA TRP B 169 9.66 12.50 6.25
C TRP B 169 10.40 12.84 4.96
N TYR B 170 10.41 11.90 4.03
CA TYR B 170 11.23 12.01 2.83
C TYR B 170 10.37 11.96 1.58
N LEU B 171 10.68 12.84 0.62
CA LEU B 171 10.20 12.73 -0.74
C LEU B 171 11.30 12.04 -1.53
N VAL B 172 11.04 10.82 -1.99
CA VAL B 172 12.03 10.03 -2.71
C VAL B 172 11.65 10.03 -4.19
N ALA B 173 12.59 10.44 -5.03
CA ALA B 173 12.36 10.59 -6.46
C ALA B 173 13.31 9.70 -7.25
N HIS B 174 12.85 9.29 -8.44
CA HIS B 174 13.59 8.35 -9.28
C HIS B 174 13.69 8.93 -10.69
N PRO B 175 14.87 9.44 -11.09
CA PRO B 175 14.97 10.24 -12.33
C PRO B 175 14.75 9.49 -13.64
N GLY B 176 14.40 8.22 -13.59
CA GLY B 176 14.07 7.49 -14.80
C GLY B 176 15.25 7.07 -15.66
N VAL B 177 16.47 7.43 -15.29
CA VAL B 177 17.68 6.96 -15.97
C VAL B 177 18.23 5.78 -15.17
N SER B 178 18.86 4.85 -15.90
CA SER B 178 19.43 3.64 -15.29
C SER B 178 20.94 3.80 -15.20
N ILE B 179 21.45 3.89 -13.97
CA ILE B 179 22.86 4.10 -13.71
C ILE B 179 23.38 2.92 -12.92
N PRO B 180 23.98 1.93 -13.60
CA PRO B 180 24.63 0.86 -12.86
C PRO B 180 25.65 1.40 -11.88
N THR B 181 25.62 0.87 -10.67
CA THR B 181 26.53 1.35 -9.64
C THR B 181 27.99 1.36 -10.07
N PRO B 182 28.48 0.39 -10.84
CA PRO B 182 29.89 0.44 -11.28
C PRO B 182 30.25 1.70 -12.04
N VAL B 183 29.31 2.31 -12.78
CA VAL B 183 29.65 3.47 -13.59
C VAL B 183 30.16 4.61 -12.73
N ILE B 184 29.48 4.88 -11.61
CA ILE B 184 29.93 5.94 -10.71
C ILE B 184 31.21 5.52 -9.99
N PHE B 185 31.24 4.30 -9.48
CA PHE B 185 32.39 3.85 -8.70
C PHE B 185 33.61 3.55 -9.56
N LYS B 186 33.46 3.56 -10.89
CA LYS B 186 34.59 3.42 -11.79
C LYS B 186 34.88 4.71 -12.55
N ASP B 187 34.27 5.83 -12.15
CA ASP B 187 34.56 7.10 -12.78
C ASP B 187 35.88 7.65 -12.26
N PRO B 188 36.74 8.16 -13.15
CA PRO B 188 38.07 8.63 -12.69
C PRO B 188 38.00 9.83 -11.75
N GLU B 189 36.95 10.64 -11.82
CA GLU B 189 36.90 11.87 -11.05
C GLU B 189 36.25 11.72 -9.68
N LEU B 190 35.66 10.57 -9.39
CA LEU B 190 35.00 10.37 -8.11
C LEU B 190 35.99 10.64 -6.97
N PRO B 191 35.69 11.58 -6.06
CA PRO B 191 36.49 11.71 -4.84
C PRO B 191 36.69 10.36 -4.14
N ARG B 192 37.95 9.98 -3.91
CA ARG B 192 38.28 8.73 -3.24
C ARG B 192 39.33 8.97 -2.15
N ASN B 193 39.35 10.19 -1.60
CA ASN B 193 40.35 10.57 -0.61
C ASN B 193 39.77 11.42 0.51
N THR B 194 38.47 11.33 0.76
CA THR B 194 37.86 12.10 1.85
C THR B 194 38.41 11.61 3.18
N PRO B 195 39.02 12.47 3.99
CA PRO B 195 39.59 12.02 5.27
C PRO B 195 38.55 11.31 6.14
N LYS B 196 39.00 10.26 6.81
CA LYS B 196 38.17 9.61 7.82
C LYS B 196 38.03 10.53 9.03
N ARG B 197 36.79 10.72 9.49
CA ARG B 197 36.50 11.58 10.63
C ARG B 197 35.75 10.79 11.69
N SER B 198 35.66 11.37 12.88
CA SER B 198 34.95 10.73 13.98
C SER B 198 33.45 10.75 13.74
N ILE B 199 32.77 9.72 14.26
CA ILE B 199 31.33 9.65 14.10
C ILE B 199 30.64 10.86 14.73
N GLU B 200 31.29 11.51 15.71
CA GLU B 200 30.73 12.73 16.28
C GLU B 200 30.87 13.92 15.34
N THR B 201 32.06 14.08 14.74
CA THR B 201 32.25 15.14 13.75
C THR B 201 31.27 15.02 12.60
N LEU B 202 31.02 13.79 12.13
CA LEU B 202 30.17 13.60 10.96
C LEU B 202 28.71 13.91 11.28
N LEU B 203 28.26 13.58 12.49
CA LEU B 203 26.85 13.81 12.84
C LEU B 203 26.52 15.28 13.06
N LYS B 204 27.51 16.16 13.11
CA LYS B 204 27.25 17.58 13.27
C LYS B 204 27.53 18.41 12.02
N CYS B 205 28.48 17.99 11.18
CA CYS B 205 28.70 18.68 9.93
C CYS B 205 27.50 18.49 9.00
N GLU B 206 27.49 19.24 7.90
CA GLU B 206 26.44 19.07 6.90
C GLU B 206 26.55 17.68 6.29
N PHE B 207 25.39 17.11 5.96
CA PHE B 207 25.33 15.81 5.28
C PHE B 207 25.42 16.00 3.78
N SER B 208 26.38 15.31 3.16
CA SER B 208 26.57 15.37 1.72
C SER B 208 26.91 13.98 1.20
N ASN B 209 26.78 13.82 -0.12
CA ASN B 209 27.05 12.55 -0.79
C ASN B 209 28.17 12.77 -1.79
N ASP B 210 29.27 12.04 -1.62
CA ASP B 210 30.45 12.24 -2.45
C ASP B 210 30.22 11.84 -3.91
N CYS B 211 29.20 11.02 -4.19
CA CYS B 211 28.89 10.63 -5.56
C CYS B 211 28.01 11.62 -6.29
N GLU B 212 27.30 12.48 -5.56
CA GLU B 212 26.33 13.37 -6.17
C GLU B 212 26.97 14.28 -7.22
N VAL B 213 28.17 14.79 -6.93
CA VAL B 213 28.82 15.70 -7.87
C VAL B 213 29.02 15.03 -9.22
N ILE B 214 29.34 13.74 -9.20
CA ILE B 214 29.55 13.00 -10.44
C ILE B 214 28.23 12.66 -11.11
N ALA B 215 27.26 12.18 -10.33
CA ALA B 215 25.98 11.78 -10.92
C ALA B 215 25.29 12.95 -11.61
N ARG B 216 25.33 14.13 -11.00
CA ARG B 216 24.72 15.30 -11.62
C ARG B 216 25.41 15.67 -12.93
N LYS B 217 26.72 15.45 -13.02
CA LYS B 217 27.46 15.82 -14.23
C LYS B 217 27.25 14.82 -15.35
N ARG B 218 27.21 13.53 -15.02
CA ARG B 218 27.17 12.49 -16.06
C ARG B 218 25.76 12.19 -16.56
N PHE B 219 24.72 12.50 -15.77
CA PHE B 219 23.36 12.16 -16.13
C PHE B 219 22.48 13.40 -16.00
N ARG B 220 21.91 13.85 -17.13
CA ARG B 220 21.07 15.04 -17.12
C ARG B 220 19.78 14.82 -16.34
N GLU B 221 19.28 13.58 -16.31
CA GLU B 221 18.03 13.31 -15.61
C GLU B 221 18.17 13.43 -14.11
N VAL B 222 19.36 13.19 -13.57
CA VAL B 222 19.58 13.37 -12.14
C VAL B 222 19.71 14.85 -11.80
N ASP B 223 20.42 15.61 -12.64
CA ASP B 223 20.51 17.05 -12.43
C ASP B 223 19.13 17.69 -12.47
N ALA B 224 18.27 17.25 -13.40
CA ALA B 224 16.93 17.80 -13.49
C ALA B 224 16.14 17.56 -12.21
N VAL B 225 16.23 16.35 -11.65
CA VAL B 225 15.46 16.03 -10.45
C VAL B 225 16.02 16.75 -9.24
N LEU B 226 17.36 16.81 -9.13
CA LEU B 226 17.98 17.52 -8.03
C LEU B 226 17.67 19.01 -8.08
N SER B 227 17.80 19.61 -9.27
CA SER B 227 17.53 21.03 -9.40
C SER B 227 16.10 21.36 -9.00
N TRP B 228 15.15 20.53 -9.43
CA TRP B 228 13.76 20.78 -9.05
C TRP B 228 13.57 20.72 -7.54
N LEU B 229 14.00 19.62 -6.91
CA LEU B 229 13.70 19.41 -5.50
C LEU B 229 14.39 20.45 -4.60
N LEU B 230 15.62 20.83 -4.95
CA LEU B 230 16.35 21.76 -4.10
C LEU B 230 15.59 23.06 -3.89
N GLU B 231 14.76 23.46 -4.85
CA GLU B 231 13.94 24.66 -4.69
C GLU B 231 12.98 24.55 -3.52
N TYR B 232 12.68 23.34 -3.06
CA TYR B 232 11.66 23.14 -2.04
C TYR B 232 12.21 22.67 -0.70
N ALA B 233 13.32 21.94 -0.68
CA ALA B 233 13.86 21.38 0.55
C ALA B 233 15.30 20.93 0.31
N PRO B 234 16.07 20.77 1.36
CA PRO B 234 17.40 20.15 1.21
C PRO B 234 17.27 18.77 0.57
N SER B 235 18.01 18.55 -0.51
CA SER B 235 17.92 17.32 -1.28
C SER B 235 19.31 16.88 -1.71
N ARG B 236 19.52 15.56 -1.76
CA ARG B 236 20.78 15.01 -2.23
C ARG B 236 20.55 13.59 -2.74
N LEU B 237 21.62 12.99 -3.24
CA LEU B 237 21.58 11.66 -3.81
C LEU B 237 21.77 10.60 -2.72
N THR B 238 21.12 9.45 -2.91
CA THR B 238 21.33 8.29 -2.06
C THR B 238 22.09 7.24 -2.86
N GLY B 239 22.99 6.54 -2.17
CA GLY B 239 23.85 5.59 -2.87
C GLY B 239 24.61 6.26 -4.00
N THR B 240 24.71 5.56 -5.12
CA THR B 240 25.34 6.09 -6.32
C THR B 240 24.34 6.66 -7.32
N GLY B 241 23.06 6.63 -7.00
CA GLY B 241 22.02 7.12 -7.89
C GLY B 241 21.12 5.99 -8.37
N ALA B 242 20.10 6.39 -9.12
CA ALA B 242 19.87 7.78 -9.48
C ALA B 242 18.83 8.44 -8.58
N CYS B 243 18.32 7.69 -7.60
CA CYS B 243 17.29 8.22 -6.73
C CYS B 243 17.79 9.40 -5.91
N VAL B 244 16.94 10.40 -5.75
CA VAL B 244 17.20 11.58 -4.95
C VAL B 244 16.14 11.65 -3.87
N PHE B 245 16.48 12.28 -2.74
CA PHE B 245 15.51 12.45 -1.66
C PHE B 245 15.60 13.86 -1.10
N ALA B 246 14.47 14.34 -0.60
CA ALA B 246 14.38 15.65 0.04
C ALA B 246 13.82 15.46 1.45
N GLU B 247 14.38 16.20 2.41
CA GLU B 247 14.00 16.06 3.81
C GLU B 247 12.91 17.06 4.18
N PHE B 248 11.92 16.58 4.93
CA PHE B 248 10.86 17.41 5.46
C PHE B 248 10.60 17.03 6.91
N ASP B 249 10.12 18.00 7.69
CA ASP B 249 9.83 17.74 9.09
C ASP B 249 8.49 17.03 9.27
N THR B 250 7.53 17.29 8.40
CA THR B 250 6.18 16.76 8.53
C THR B 250 5.76 15.98 7.29
N GLU B 251 4.72 15.16 7.46
CA GLU B 251 4.16 14.40 6.33
C GLU B 251 3.48 15.31 5.33
N SER B 252 2.74 16.32 5.82
CA SER B 252 1.99 17.19 4.93
C SER B 252 2.92 17.99 4.02
N GLU B 253 4.02 18.48 4.56
CA GLU B 253 5.00 19.21 3.75
C GLU B 253 5.57 18.31 2.65
N ALA B 254 5.89 17.06 3.00
CA ALA B 254 6.43 16.13 2.00
C ALA B 254 5.39 15.86 0.90
N ARG B 255 4.16 15.57 1.30
CA ARG B 255 3.12 15.25 0.32
C ARG B 255 2.72 16.48 -0.49
N GLN B 256 2.72 17.66 0.13
CA GLN B 256 2.35 18.88 -0.59
C GLN B 256 3.26 19.11 -1.79
N VAL B 257 4.57 18.91 -1.62
CA VAL B 257 5.50 19.07 -2.73
C VAL B 257 5.34 17.93 -3.72
N LEU B 258 5.19 16.70 -3.23
CA LEU B 258 4.97 15.57 -4.13
C LEU B 258 3.75 15.77 -5.00
N GLU B 259 2.73 16.47 -4.48
CA GLU B 259 1.56 16.77 -5.29
C GLU B 259 1.89 17.78 -6.39
N GLN B 260 2.77 18.73 -6.09
CA GLN B 260 3.20 19.72 -7.07
C GLN B 260 4.29 19.21 -8.01
N ALA B 261 4.68 17.96 -7.90
CA ALA B 261 5.83 17.60 -8.71
C ALA B 261 5.41 17.10 -10.08
N PRO B 262 6.23 17.33 -11.10
CA PRO B 262 5.96 16.74 -12.42
C PRO B 262 5.98 15.22 -12.35
N GLU B 263 5.38 14.59 -13.36
CA GLU B 263 5.28 13.14 -13.35
C GLU B 263 6.62 12.47 -13.62
N TRP B 264 7.53 13.16 -14.32
CA TRP B 264 8.85 12.58 -14.55
C TRP B 264 9.70 12.53 -13.29
N LEU B 265 9.17 12.98 -12.15
CA LEU B 265 9.86 12.81 -10.88
C LEU B 265 9.76 11.39 -10.36
N ASN B 266 8.65 10.71 -10.62
CA ASN B 266 8.44 9.33 -10.17
C ASN B 266 8.76 9.19 -8.69
N GLY B 267 8.15 10.05 -7.88
CA GLY B 267 8.46 10.13 -6.48
C GLY B 267 7.43 9.49 -5.58
N PHE B 268 7.86 9.12 -4.38
CA PHE B 268 6.98 8.66 -3.32
C PHE B 268 7.44 9.28 -2.00
N VAL B 269 6.54 9.26 -1.02
CA VAL B 269 6.83 9.82 0.30
C VAL B 269 6.78 8.69 1.32
N ALA B 270 7.78 8.65 2.20
CA ALA B 270 7.86 7.63 3.23
C ALA B 270 8.57 8.21 4.44
N LYS B 271 8.24 7.68 5.61
CA LYS B 271 8.84 8.12 6.86
C LYS B 271 10.12 7.37 7.14
N GLY B 272 11.13 8.09 7.63
CA GLY B 272 12.34 7.44 8.09
C GLY B 272 12.09 6.60 9.32
N VAL B 273 12.82 5.49 9.42
CA VAL B 273 12.64 4.54 10.52
C VAL B 273 14.01 3.98 10.91
N ASN B 274 14.29 4.00 12.21
CA ASN B 274 15.56 3.50 12.71
C ASN B 274 15.55 2.01 13.03
N LEU B 275 14.36 1.41 13.14
CA LEU B 275 14.22 -0.02 13.34
C LEU B 275 13.55 -0.62 12.12
N SER B 276 14.24 -1.56 11.46
CA SER B 276 13.71 -2.18 10.27
C SER B 276 12.40 -2.89 10.56
N PRO B 277 11.38 -2.72 9.71
CA PRO B 277 10.16 -3.54 9.87
C PRO B 277 10.44 -5.02 9.88
N LEU B 278 11.43 -5.48 9.10
CA LEU B 278 11.78 -6.90 9.09
C LEU B 278 12.08 -7.39 10.50
N HIS B 279 12.89 -6.64 11.25
CA HIS B 279 13.24 -7.05 12.61
C HIS B 279 12.00 -7.15 13.49
N ARG B 280 11.07 -6.19 13.35
CA ARG B 280 9.85 -6.23 14.16
C ARG B 280 9.01 -7.45 13.81
N ALA B 281 8.94 -7.80 12.52
CA ALA B 281 8.20 -8.98 12.10
C ALA B 281 8.87 -10.25 12.61
#